data_3H4K
#
_entry.id   3H4K
#
_cell.length_a   147.515
_cell.length_b   102.166
_cell.length_c   60.572
_cell.angle_alpha   90.00
_cell.angle_beta   114.16
_cell.angle_gamma   90.00
#
_symmetry.space_group_name_H-M   'C 1 2 1'
#
loop_
_entity.id
_entity.type
_entity.pdbx_description
1 polymer 'Thioredoxin glutathione reductase'
2 non-polymer 'FLAVIN-ADENINE DINUCLEOTIDE'
3 non-polymer 'GOLD ION'
4 non-polymer 'POTASSIUM ION'
5 non-polymer GLUTATHIONE
6 non-polymer 'TETRAETHYLENE GLYCOL'
7 water water
#
_entity_poly.entity_id   1
_entity_poly.type   'polypeptide(L)'
_entity_poly.pdbx_seq_one_letter_code
;MPPADGTSQWLRKTVDSAAVILFSKTTCPYCKKVKDVLAEAKIKHATIELDQLSNGSAIQKCLASFSKIETVPQMFVRGK
FIGDSQTVLKYYSNDELAGIVNESKYDYDLIVIGGGSGGLAAGKEAAKYGAKTAVLDYVEPTPIGTTWGLGGTCVNVGCI
PKKLMHQAGLLSHALEDAEHFGWSLDRSKISHNWSTMVEGVQSHIGSLNWGYKVALRDNQVTYLNAKGRLISPHEVQITD
KNQKVSTITGNKIILATGERPKYPEIPGAVEYGITSDDLFSLPYFPGKTLVIGASYVALECAGFLASLGGDVTVMVRSIL
LRGFDQQMAEKVGDYMENHGVKFAKLCVPDEIKQLKVVDTENNKPGLLLVKGHYTDGKKFEEEFETVIFAVGREPQLSKV
LCETVGVKLDKNGRVVCTDDEQTTVSNVYAIGDINAGKPQLTPVAIQAGRYLARRLFAGATELTDYSNVATTVFTPLEYG
ACGLSEEDAIEKYGDKDIEVYHSNFKPLEWTVAHREDNVCYMKLVCRKSDNMRVLGLHVLGPNAGEITQGYAVAIKMGAT
KADFDRTIGIHPTCSETFTTLHVTKKSGVSPIVSGCUG
;
_entity_poly.pdbx_strand_id   A
#
# COMPACT_ATOMS: atom_id res chain seq x y z
N GLY A 6 7.84 17.76 28.19
CA GLY A 6 6.85 17.19 27.23
C GLY A 6 5.73 18.16 26.91
N THR A 7 4.94 18.50 27.93
CA THR A 7 3.79 19.38 27.81
C THR A 7 4.08 20.70 27.08
N SER A 8 5.17 21.36 27.49
CA SER A 8 5.58 22.64 26.90
C SER A 8 5.87 22.54 25.40
N GLN A 9 6.69 21.55 25.02
CA GLN A 9 7.09 21.33 23.62
C GLN A 9 5.91 20.91 22.75
N TRP A 10 5.08 19.99 23.27
CA TRP A 10 3.92 19.47 22.56
C TRP A 10 2.92 20.57 22.19
N LEU A 11 2.68 21.50 23.11
CA LEU A 11 1.69 22.55 22.92
C LEU A 11 2.10 23.57 21.86
N ARG A 12 3.37 23.99 21.88
CA ARG A 12 3.88 24.93 20.88
C ARG A 12 3.73 24.34 19.48
N LYS A 13 4.21 23.11 19.30
CA LYS A 13 4.13 22.41 18.02
C LYS A 13 2.69 22.23 17.56
N THR A 14 1.81 21.86 18.48
CA THR A 14 0.38 21.69 18.20
C THR A 14 -0.28 22.99 17.72
N VAL A 15 0.00 24.08 18.43
CA VAL A 15 -0.59 25.39 18.10
C VAL A 15 -0.09 25.92 16.76
N ASP A 16 1.21 25.82 16.52
CA ASP A 16 1.85 26.33 15.30
C ASP A 16 1.46 25.55 14.04
N SER A 17 1.08 24.28 14.20
CA SER A 17 0.84 23.40 13.06
C SER A 17 -0.64 23.22 12.72
N ALA A 18 -1.50 23.21 13.74
CA ALA A 18 -2.93 23.06 13.54
C ALA A 18 -3.53 24.27 12.83
N ALA A 19 -4.45 24.01 11.91
CA ALA A 19 -5.12 25.06 11.16
C ALA A 19 -6.25 25.68 11.97
N VAL A 20 -7.13 24.83 12.48
CA VAL A 20 -8.23 25.26 13.35
C VAL A 20 -8.32 24.26 14.50
N ILE A 21 -8.11 24.74 15.73
CA ILE A 21 -8.09 23.88 16.91
C ILE A 21 -8.82 24.49 18.11
N LEU A 22 -9.58 23.65 18.81
CA LEU A 22 -10.34 24.07 19.98
C LEU A 22 -9.92 23.27 21.21
N PHE A 23 -9.35 23.97 22.19
CA PHE A 23 -9.01 23.38 23.48
C PHE A 23 -10.25 23.47 24.36
N SER A 24 -10.66 22.33 24.91
CA SER A 24 -11.98 22.21 25.51
C SER A 24 -12.03 21.27 26.72
N LYS A 25 -13.19 21.20 27.35
CA LYS A 25 -13.50 20.19 28.36
C LYS A 25 -14.90 19.63 28.09
N THR A 26 -15.07 18.33 28.34
CA THR A 26 -16.33 17.63 28.06
C THR A 26 -17.51 18.14 28.89
N THR A 27 -17.21 18.63 30.08
CA THR A 27 -18.23 19.14 31.01
C THR A 27 -18.20 20.67 31.07
N CYS A 28 -18.60 21.32 29.98
CA CYS A 28 -18.61 22.77 29.88
C CYS A 28 -19.68 23.29 28.91
N PRO A 29 -20.63 24.10 29.41
CA PRO A 29 -21.67 24.70 28.58
C PRO A 29 -21.15 25.78 27.63
N TYR A 30 -20.03 26.41 27.98
CA TYR A 30 -19.41 27.42 27.13
C TYR A 30 -18.70 26.78 25.93
N CYS A 31 -18.05 25.65 26.19
CA CYS A 31 -17.43 24.84 25.13
C CYS A 31 -18.46 24.31 24.14
N LYS A 32 -19.60 23.85 24.67
CA LYS A 32 -20.69 23.32 23.86
C LYS A 32 -21.30 24.40 22.96
N LYS A 33 -21.38 25.62 23.47
CA LYS A 33 -21.90 26.76 22.69
C LYS A 33 -21.06 27.05 21.45
N VAL A 34 -19.74 26.90 21.58
CA VAL A 34 -18.82 27.08 20.45
C VAL A 34 -18.93 25.91 19.48
N LYS A 35 -18.94 24.68 20.03
CA LYS A 35 -19.06 23.47 19.23
C LYS A 35 -20.31 23.47 18.36
N ASP A 36 -21.43 23.92 18.93
CA ASP A 36 -22.69 24.03 18.21
C ASP A 36 -22.66 25.13 17.16
N VAL A 37 -21.91 26.20 17.43
CA VAL A 37 -21.72 27.31 16.49
C VAL A 37 -20.85 26.87 15.30
N LEU A 38 -19.75 26.19 15.60
CA LEU A 38 -18.82 25.70 14.57
C LEU A 38 -19.46 24.64 13.68
N ALA A 39 -20.31 23.80 14.26
CA ALA A 39 -21.06 22.80 13.51
C ALA A 39 -22.13 23.43 12.62
N GLU A 40 -22.73 24.52 13.10
CA GLU A 40 -23.77 25.26 12.38
C GLU A 40 -23.17 26.03 11.19
N ALA A 41 -22.03 26.68 11.43
CA ALA A 41 -21.31 27.40 10.37
C ALA A 41 -20.51 26.45 9.48
N LYS A 42 -20.59 25.15 9.78
CA LYS A 42 -19.90 24.09 9.04
C LYS A 42 -18.37 24.24 9.04
N ILE A 43 -17.83 24.86 10.09
CA ILE A 43 -16.39 25.03 10.24
C ILE A 43 -15.80 23.82 10.95
N LYS A 44 -15.01 23.04 10.21
CA LYS A 44 -14.36 21.84 10.76
C LYS A 44 -13.13 22.21 11.56
N HIS A 45 -12.88 21.47 12.63
CA HIS A 45 -11.84 21.81 13.59
C HIS A 45 -11.36 20.60 14.39
N ALA A 46 -10.15 20.70 14.94
CA ALA A 46 -9.65 19.71 15.88
C ALA A 46 -10.14 20.06 17.28
N THR A 47 -10.43 19.04 18.07
CA THR A 47 -10.91 19.22 19.43
C THR A 47 -9.99 18.49 20.40
N ILE A 48 -9.47 19.22 21.38
CA ILE A 48 -8.66 18.63 22.43
C ILE A 48 -9.40 18.77 23.76
N GLU A 49 -9.95 17.65 24.23
CA GLU A 49 -10.63 17.62 25.52
C GLU A 49 -9.56 17.47 26.61
N LEU A 50 -9.35 18.55 27.36
CA LEU A 50 -8.29 18.62 28.36
C LEU A 50 -8.59 17.79 29.61
N ASP A 51 -9.88 17.61 29.91
CA ASP A 51 -10.31 16.80 31.05
C ASP A 51 -10.21 15.29 30.76
N GLN A 52 -9.91 14.96 29.50
CA GLN A 52 -9.67 13.57 29.09
C GLN A 52 -8.18 13.24 29.07
N LEU A 53 -7.35 14.21 29.47
CA LEU A 53 -5.90 14.04 29.50
C LEU A 53 -5.34 14.23 30.90
N SER A 54 -4.27 13.52 31.22
CA SER A 54 -3.65 13.58 32.54
C SER A 54 -2.93 14.90 32.79
N ASN A 55 -2.23 15.40 31.77
CA ASN A 55 -1.52 16.67 31.86
C ASN A 55 -2.38 17.87 31.40
N GLY A 56 -3.70 17.68 31.43
CA GLY A 56 -4.65 18.72 31.02
C GLY A 56 -4.58 19.99 31.85
N SER A 57 -4.37 19.82 33.16
CA SER A 57 -4.24 20.95 34.08
C SER A 57 -2.95 21.75 33.83
N ALA A 58 -1.88 21.05 33.46
CA ALA A 58 -0.61 21.69 33.11
C ALA A 58 -0.70 22.47 31.80
N ILE A 59 -1.47 21.94 30.85
CA ILE A 59 -1.64 22.58 29.53
C ILE A 59 -2.35 23.93 29.64
N GLN A 60 -3.36 24.00 30.51
CA GLN A 60 -4.13 25.24 30.72
C GLN A 60 -3.25 26.41 31.14
N LYS A 61 -2.27 26.14 32.02
CA LYS A 61 -1.34 27.16 32.49
C LYS A 61 -0.35 27.57 31.39
N CYS A 62 -0.01 26.60 30.53
CA CYS A 62 0.89 26.85 29.41
CA CYS A 62 0.89 26.83 29.40
C CYS A 62 0.18 27.58 28.27
N LEU A 63 -1.14 27.42 28.21
CA LEU A 63 -1.97 28.10 27.21
C LEU A 63 -2.02 29.61 27.41
N ALA A 64 -1.71 30.05 28.63
CA ALA A 64 -1.67 31.46 28.99
C ALA A 64 -0.56 32.22 28.24
N SER A 65 0.51 31.50 27.90
CA SER A 65 1.60 32.07 27.10
C SER A 65 1.18 32.34 25.65
N PHE A 66 0.10 31.69 25.23
CA PHE A 66 -0.41 31.82 23.86
C PHE A 66 -1.66 32.69 23.78
N SER A 67 -2.39 32.80 24.90
CA SER A 67 -3.71 33.43 24.89
C SER A 67 -3.97 34.39 26.05
N LYS A 68 -3.08 34.38 27.04
CA LYS A 68 -3.21 35.17 28.27
C LYS A 68 -4.24 34.61 29.25
N ILE A 69 -5.10 33.70 28.78
CA ILE A 69 -6.14 33.09 29.62
C ILE A 69 -5.90 31.58 29.83
N GLU A 70 -6.45 31.06 30.92
CA GLU A 70 -6.25 29.66 31.32
C GLU A 70 -7.55 28.85 31.28
N THR A 71 -8.65 29.53 30.98
CA THR A 71 -9.96 28.89 30.92
C THR A 71 -10.25 28.26 29.55
N VAL A 72 -11.34 27.48 29.49
CA VAL A 72 -11.79 26.86 28.25
C VAL A 72 -13.21 27.34 27.90
N PRO A 73 -13.55 27.40 26.59
CA PRO A 73 -12.74 27.05 25.43
C PRO A 73 -11.79 28.13 24.93
N GLN A 74 -10.69 27.70 24.30
CA GLN A 74 -9.76 28.59 23.62
C GLN A 74 -9.62 28.14 22.16
N MET A 75 -10.00 29.03 21.25
CA MET A 75 -9.94 28.73 19.81
C MET A 75 -8.71 29.35 19.17
N PHE A 76 -7.96 28.52 18.44
CA PHE A 76 -6.76 28.96 17.73
C PHE A 76 -6.92 28.76 16.23
N VAL A 77 -6.46 29.74 15.46
CA VAL A 77 -6.46 29.65 13.99
C VAL A 77 -5.05 29.92 13.47
N ARG A 78 -4.42 28.84 12.96
CA ARG A 78 -3.10 28.88 12.34
C ARG A 78 -2.01 29.55 13.20
N GLY A 79 -1.88 29.08 14.43
CA GLY A 79 -0.84 29.57 15.35
C GLY A 79 -1.21 30.84 16.09
N LYS A 80 -2.48 31.24 16.01
CA LYS A 80 -2.92 32.49 16.61
C LYS A 80 -4.21 32.28 17.42
N PHE A 81 -4.21 32.79 18.65
CA PHE A 81 -5.41 32.83 19.48
C PHE A 81 -6.37 33.85 18.89
N ILE A 82 -7.65 33.46 18.79
CA ILE A 82 -8.66 34.34 18.19
C ILE A 82 -9.74 34.79 19.18
N GLY A 83 -9.97 34.02 20.23
CA GLY A 83 -10.94 34.39 21.26
C GLY A 83 -11.50 33.23 22.09
N ASP A 84 -12.16 33.59 23.18
CA ASP A 84 -12.87 32.61 24.01
C ASP A 84 -14.32 32.45 23.55
N SER A 85 -15.13 31.72 24.32
CA SER A 85 -16.53 31.45 23.97
C SER A 85 -17.34 32.71 23.71
N GLN A 86 -17.11 33.74 24.52
CA GLN A 86 -17.81 35.01 24.40
C GLN A 86 -17.39 35.75 23.13
N THR A 87 -16.12 35.66 22.77
CA THR A 87 -15.57 36.34 21.60
C THR A 87 -15.90 35.61 20.30
N VAL A 88 -15.83 34.28 20.32
CA VAL A 88 -16.14 33.46 19.14
C VAL A 88 -17.62 33.62 18.73
N LEU A 89 -18.51 33.61 19.72
CA LEU A 89 -19.93 33.86 19.48
C LEU A 89 -20.20 35.31 19.09
N LYS A 90 -19.32 36.21 19.51
CA LYS A 90 -19.40 37.62 19.13
C LYS A 90 -18.98 37.81 17.67
N TYR A 91 -18.00 37.02 17.21
CA TYR A 91 -17.59 37.05 15.80
C TYR A 91 -18.66 36.43 14.91
N TYR A 92 -19.25 35.34 15.39
CA TYR A 92 -20.34 34.64 14.70
C TYR A 92 -21.58 35.53 14.56
N SER A 93 -21.72 36.48 15.47
CA SER A 93 -22.84 37.42 15.48
C SER A 93 -22.76 38.45 14.35
N ASN A 94 -21.55 38.98 14.11
CA ASN A 94 -21.34 39.95 13.03
C ASN A 94 -21.10 39.28 11.67
N ASP A 95 -21.13 37.95 11.66
CA ASP A 95 -20.78 37.12 10.50
C ASP A 95 -19.34 37.37 10.02
N GLU A 96 -18.43 37.47 10.99
CA GLU A 96 -17.01 37.72 10.71
C GLU A 96 -16.16 36.47 10.91
N LEU A 97 -16.70 35.49 11.61
CA LEU A 97 -15.97 34.27 11.98
C LEU A 97 -15.51 33.46 10.77
N ALA A 98 -16.35 33.39 9.73
CA ALA A 98 -16.02 32.70 8.49
C ALA A 98 -14.72 33.22 7.86
N GLY A 99 -14.58 34.54 7.84
CA GLY A 99 -13.39 35.20 7.29
C GLY A 99 -12.14 35.00 8.13
N ILE A 100 -12.32 34.90 9.45
CA ILE A 100 -11.21 34.72 10.39
C ILE A 100 -10.59 33.32 10.25
N VAL A 101 -11.44 32.29 10.16
CA VAL A 101 -10.98 30.92 10.03
C VAL A 101 -10.44 30.60 8.62
N ASN A 102 -10.79 31.45 7.65
CA ASN A 102 -10.30 31.30 6.28
CA ASN A 102 -10.32 31.32 6.27
C ASN A 102 -9.02 32.10 6.02
N GLU A 103 -8.67 32.98 6.97
CA GLU A 103 -7.48 33.81 6.86
C GLU A 103 -6.19 32.97 6.89
N SER A 104 -5.41 33.04 5.82
CA SER A 104 -4.18 32.25 5.70
C SER A 104 -3.08 32.99 4.95
N LYS A 105 -1.84 32.61 5.25
CA LYS A 105 -0.65 33.15 4.61
C LYS A 105 -0.42 32.45 3.26
N TYR A 106 -0.91 31.22 3.15
CA TYR A 106 -0.79 30.42 1.93
C TYR A 106 -2.17 30.13 1.33
N ASP A 107 -2.20 29.55 0.14
CA ASP A 107 -3.46 29.14 -0.48
C ASP A 107 -4.05 27.95 0.26
N TYR A 108 -3.19 27.05 0.74
CA TYR A 108 -3.61 25.84 1.43
C TYR A 108 -2.78 25.57 2.68
N ASP A 109 -3.41 24.93 3.67
CA ASP A 109 -2.70 24.45 4.85
C ASP A 109 -1.88 23.23 4.47
N LEU A 110 -2.38 22.48 3.48
CA LEU A 110 -1.73 21.28 3.01
C LEU A 110 -1.86 21.09 1.52
N ILE A 111 -0.74 20.78 0.86
CA ILE A 111 -0.75 20.32 -0.51
C ILE A 111 -0.23 18.89 -0.53
N VAL A 112 -1.04 17.99 -1.07
CA VAL A 112 -0.63 16.60 -1.26
C VAL A 112 -0.33 16.39 -2.74
N ILE A 113 0.93 16.06 -3.04
CA ILE A 113 1.31 15.74 -4.41
C ILE A 113 1.25 14.23 -4.60
N GLY A 114 0.21 13.78 -5.29
CA GLY A 114 -0.02 12.36 -5.52
C GLY A 114 -1.33 11.90 -4.93
N GLY A 115 -2.26 11.52 -5.78
CA GLY A 115 -3.59 11.07 -5.35
C GLY A 115 -3.74 9.57 -5.33
N GLY A 116 -2.86 8.90 -4.58
CA GLY A 116 -2.93 7.45 -4.42
C GLY A 116 -3.38 7.05 -3.02
N SER A 117 -3.02 5.85 -2.60
CA SER A 117 -3.40 5.34 -1.29
C SER A 117 -3.03 6.28 -0.14
N GLY A 118 -1.75 6.63 -0.06
CA GLY A 118 -1.24 7.50 1.00
C GLY A 118 -1.76 8.91 0.89
N GLY A 119 -1.66 9.48 -0.29
CA GLY A 119 -2.07 10.85 -0.56
C GLY A 119 -3.53 11.16 -0.27
N LEU A 120 -4.41 10.22 -0.63
CA LEU A 120 -5.84 10.38 -0.37
C LEU A 120 -6.16 10.17 1.11
N ALA A 121 -5.42 9.26 1.77
CA ALA A 121 -5.59 9.02 3.20
C ALA A 121 -5.19 10.26 4.02
N ALA A 122 -4.07 10.87 3.62
CA ALA A 122 -3.57 12.08 4.27
C ALA A 122 -4.52 13.27 4.07
N GLY A 123 -4.92 13.49 2.82
CA GLY A 123 -5.80 14.60 2.45
C GLY A 123 -7.14 14.58 3.15
N LYS A 124 -7.81 13.43 3.11
CA LYS A 124 -9.12 13.26 3.74
C LYS A 124 -9.06 13.43 5.25
N GLU A 125 -8.02 12.89 5.88
CA GLU A 125 -7.82 13.01 7.32
C GLU A 125 -7.53 14.44 7.74
N ALA A 126 -6.69 15.14 6.96
CA ALA A 126 -6.35 16.54 7.24
C ALA A 126 -7.57 17.46 7.19
N ALA A 127 -8.46 17.20 6.25
CA ALA A 127 -9.68 18.00 6.07
C ALA A 127 -10.64 17.89 7.26
N LYS A 128 -10.65 16.73 7.91
CA LYS A 128 -11.48 16.49 9.10
C LYS A 128 -11.30 17.56 10.17
N TYR A 129 -10.05 17.95 10.38
CA TYR A 129 -9.69 18.94 11.41
C TYR A 129 -9.57 20.35 10.82
N GLY A 130 -10.22 20.58 9.69
CA GLY A 130 -10.40 21.92 9.13
C GLY A 130 -9.22 22.52 8.38
N ALA A 131 -8.26 21.69 8.01
CA ALA A 131 -7.14 22.14 7.18
C ALA A 131 -7.58 22.27 5.73
N LYS A 132 -7.33 23.43 5.12
CA LYS A 132 -7.57 23.63 3.70
C LYS A 132 -6.58 22.79 2.90
N THR A 133 -7.11 21.83 2.16
CA THR A 133 -6.30 20.78 1.57
C THR A 133 -6.47 20.72 0.06
N ALA A 134 -5.36 20.61 -0.64
CA ALA A 134 -5.35 20.33 -2.07
C ALA A 134 -4.67 19.00 -2.33
N VAL A 135 -5.31 18.17 -3.15
CA VAL A 135 -4.73 16.90 -3.58
C VAL A 135 -4.49 16.95 -5.08
N LEU A 136 -3.23 16.75 -5.48
CA LEU A 136 -2.87 16.75 -6.89
C LEU A 136 -2.64 15.32 -7.35
N ASP A 137 -3.23 14.96 -8.49
CA ASP A 137 -2.97 13.67 -9.11
C ASP A 137 -2.89 13.76 -10.63
N TYR A 138 -1.86 13.13 -11.17
CA TYR A 138 -1.69 13.01 -12.61
C TYR A 138 -1.14 11.64 -12.92
N VAL A 139 -1.71 11.00 -13.93
CA VAL A 139 -1.24 9.70 -14.38
C VAL A 139 -0.54 9.84 -15.72
N GLU A 140 0.80 9.85 -15.69
CA GLU A 140 1.59 9.88 -16.91
C GLU A 140 1.31 8.61 -17.71
N PRO A 141 0.98 8.75 -19.01
CA PRO A 141 0.69 7.61 -19.86
C PRO A 141 1.86 6.64 -19.98
N THR A 142 1.55 5.35 -20.08
CA THR A 142 2.54 4.33 -20.38
C THR A 142 3.00 4.50 -21.84
N PRO A 143 4.15 3.92 -22.17
CA PRO A 143 4.67 3.97 -23.54
C PRO A 143 3.55 3.80 -24.57
N ILE A 144 2.57 2.96 -24.26
CA ILE A 144 1.55 2.59 -25.23
C ILE A 144 0.24 3.33 -24.95
N GLY A 145 0.28 4.25 -23.99
CA GLY A 145 -0.71 5.31 -23.90
C GLY A 145 -1.79 5.01 -22.88
N THR A 146 -1.66 3.87 -22.19
CA THR A 146 -2.57 3.52 -21.10
C THR A 146 -2.54 4.56 -19.96
N THR A 147 -3.74 5.08 -19.65
CA THR A 147 -3.97 6.01 -18.56
CA THR A 147 -3.94 5.99 -18.54
C THR A 147 -5.16 5.55 -17.72
N TRP A 148 -5.30 6.11 -16.52
CA TRP A 148 -6.42 5.77 -15.64
C TRP A 148 -6.82 6.93 -14.73
N GLY A 149 -7.88 6.72 -13.95
CA GLY A 149 -8.43 7.76 -13.07
C GLY A 149 -7.77 7.87 -11.72
N LEU A 150 -8.42 8.61 -10.82
CA LEU A 150 -7.93 8.86 -9.47
C LEU A 150 -7.97 7.59 -8.60
N GLY A 151 -6.96 7.45 -7.75
CA GLY A 151 -6.89 6.30 -6.83
C GLY A 151 -5.50 5.70 -6.67
N GLY A 152 -4.60 6.06 -7.59
CA GLY A 152 -3.22 5.56 -7.56
C GLY A 152 -3.06 4.20 -8.20
N THR A 153 -1.92 3.56 -7.91
CA THR A 153 -1.61 2.23 -8.40
C THR A 153 -2.56 1.18 -7.82
N CYS A 154 -2.67 1.17 -6.49
CA CYS A 154 -3.51 0.23 -5.74
CA CYS A 154 -3.50 0.20 -5.77
C CYS A 154 -4.85 -0.06 -6.45
N VAL A 155 -5.65 0.99 -6.59
CA VAL A 155 -7.00 0.89 -7.15
C VAL A 155 -7.02 0.52 -8.64
N ASN A 156 -6.15 1.15 -9.42
CA ASN A 156 -6.20 1.06 -10.88
C ASN A 156 -5.34 -0.05 -11.49
N VAL A 157 -4.11 -0.18 -11.00
CA VAL A 157 -3.13 -1.08 -11.63
C VAL A 157 -2.33 -1.89 -10.60
N GLY A 158 -2.92 -2.11 -9.43
CA GLY A 158 -2.24 -2.78 -8.33
C GLY A 158 -3.11 -3.82 -7.64
N CYS A 159 -3.19 -3.71 -6.33
CA CYS A 159 -3.84 -4.71 -5.45
C CYS A 159 -5.24 -5.11 -5.89
N ILE A 160 -6.07 -4.12 -6.24
CA ILE A 160 -7.47 -4.34 -6.57
C ILE A 160 -7.66 -5.18 -7.85
N PRO A 161 -7.23 -4.68 -9.03
CA PRO A 161 -7.38 -5.49 -10.25
C PRO A 161 -6.60 -6.81 -10.20
N LYS A 162 -5.47 -6.81 -9.51
CA LYS A 162 -4.64 -8.00 -9.33
C LYS A 162 -5.41 -9.10 -8.60
N LYS A 163 -6.03 -8.76 -7.47
CA LYS A 163 -6.71 -9.77 -6.65
C LYS A 163 -8.01 -10.24 -7.30
N LEU A 164 -8.65 -9.36 -8.05
CA LEU A 164 -9.87 -9.71 -8.78
C LEU A 164 -9.60 -10.72 -9.88
N MET A 165 -8.47 -10.54 -10.59
CA MET A 165 -8.05 -11.48 -11.64
C MET A 165 -7.51 -12.76 -11.03
N HIS A 166 -6.96 -12.65 -9.82
CA HIS A 166 -6.52 -13.79 -9.03
C HIS A 166 -7.72 -14.63 -8.59
N GLN A 167 -8.81 -13.95 -8.22
CA GLN A 167 -10.06 -14.62 -7.88
C GLN A 167 -10.67 -15.33 -9.09
N ALA A 168 -10.65 -14.66 -10.24
CA ALA A 168 -11.10 -15.25 -11.50
C ALA A 168 -10.32 -16.52 -11.81
N GLY A 169 -9.03 -16.51 -11.47
CA GLY A 169 -8.16 -17.67 -11.61
C GLY A 169 -8.49 -18.77 -10.62
N LEU A 170 -8.84 -18.39 -9.39
CA LEU A 170 -9.19 -19.35 -8.35
C LEU A 170 -10.49 -20.09 -8.66
N LEU A 171 -11.42 -19.40 -9.32
CA LEU A 171 -12.72 -19.98 -9.68
C LEU A 171 -12.58 -21.12 -10.69
N SER A 172 -11.49 -21.10 -11.46
CA SER A 172 -11.11 -22.23 -12.31
C SER A 172 -11.02 -23.52 -11.51
N HIS A 173 -10.35 -23.44 -10.36
CA HIS A 173 -10.21 -24.57 -9.44
C HIS A 173 -11.54 -24.91 -8.78
N ALA A 174 -12.32 -23.89 -8.45
CA ALA A 174 -13.65 -24.08 -7.85
C ALA A 174 -14.60 -24.81 -8.80
N LEU A 175 -14.49 -24.51 -10.09
CA LEU A 175 -15.25 -25.20 -11.13
C LEU A 175 -14.89 -26.69 -11.21
N GLU A 176 -13.61 -27.00 -11.00
CA GLU A 176 -13.13 -28.39 -10.96
C GLU A 176 -13.60 -29.12 -9.70
N ASP A 177 -13.51 -28.44 -8.56
CA ASP A 177 -13.86 -29.01 -7.26
C ASP A 177 -15.35 -29.36 -7.16
N ALA A 178 -16.16 -28.46 -7.67
CA ALA A 178 -17.59 -28.61 -7.75
C ALA A 178 -18.13 -29.92 -8.25
N GLU A 179 -17.45 -30.57 -9.18
CA GLU A 179 -17.89 -31.86 -9.65
C GLU A 179 -17.75 -32.93 -8.63
N HIS A 180 -16.71 -32.85 -7.86
CA HIS A 180 -16.38 -33.85 -6.89
C HIS A 180 -17.33 -33.72 -5.74
N PHE A 181 -17.78 -32.50 -5.54
CA PHE A 181 -18.72 -32.15 -4.48
C PHE A 181 -20.16 -32.32 -4.94
N GLY A 182 -20.34 -32.80 -6.17
CA GLY A 182 -21.58 -33.43 -6.57
C GLY A 182 -22.36 -32.57 -7.55
N TRP A 183 -21.71 -31.55 -8.09
CA TRP A 183 -22.35 -30.65 -9.03
C TRP A 183 -22.14 -31.10 -10.47
N SER A 184 -23.21 -31.04 -11.27
CA SER A 184 -23.19 -31.60 -12.62
C SER A 184 -22.52 -30.65 -13.60
N LEU A 185 -21.33 -31.01 -14.05
CA LEU A 185 -20.61 -30.23 -15.06
C LEU A 185 -19.36 -31.04 -15.40
N ASP A 186 -18.85 -30.83 -16.61
CA ASP A 186 -19.03 -29.67 -17.48
C ASP A 186 -17.78 -28.81 -17.52
N ARG A 187 -16.73 -29.27 -16.84
CA ARG A 187 -15.58 -28.41 -16.57
C ARG A 187 -14.63 -28.36 -17.76
N SER A 188 -14.63 -29.42 -18.56
CA SER A 188 -13.82 -29.47 -19.77
C SER A 188 -14.49 -28.71 -20.91
N LYS A 189 -15.80 -28.50 -20.79
CA LYS A 189 -16.56 -27.78 -21.80
C LYS A 189 -16.76 -26.32 -21.43
N ILE A 190 -15.93 -25.83 -20.51
CA ILE A 190 -16.01 -24.45 -20.06
C ILE A 190 -14.73 -23.68 -20.38
N SER A 191 -14.89 -22.46 -20.90
CA SER A 191 -13.76 -21.61 -21.23
C SER A 191 -13.87 -20.26 -20.56
N HIS A 192 -12.78 -19.49 -20.59
CA HIS A 192 -12.76 -18.17 -19.97
C HIS A 192 -12.68 -17.06 -21.02
N ASN A 193 -13.37 -15.96 -20.74
CA ASN A 193 -13.40 -14.79 -21.62
C ASN A 193 -12.72 -13.59 -20.96
N TRP A 194 -11.53 -13.25 -21.46
CA TRP A 194 -10.72 -12.15 -20.93
C TRP A 194 -11.45 -10.81 -20.90
N SER A 195 -12.22 -10.53 -21.96
CA SER A 195 -12.91 -9.25 -22.11
C SER A 195 -14.08 -9.05 -21.14
N THR A 196 -14.82 -10.13 -20.87
CA THR A 196 -15.91 -10.10 -19.89
C THR A 196 -15.35 -9.77 -18.50
N MET A 197 -14.24 -10.42 -18.15
CA MET A 197 -13.57 -10.21 -16.86
C MET A 197 -13.00 -8.80 -16.74
N VAL A 198 -12.22 -8.38 -17.74
CA VAL A 198 -11.62 -7.04 -17.77
C VAL A 198 -12.67 -5.94 -17.58
N GLU A 199 -13.76 -6.00 -18.34
CA GLU A 199 -14.81 -4.98 -18.25
C GLU A 199 -15.51 -4.95 -16.89
N GLY A 200 -15.66 -6.12 -16.27
CA GLY A 200 -16.17 -6.22 -14.90
C GLY A 200 -15.23 -5.58 -13.90
N VAL A 201 -13.95 -5.91 -14.01
CA VAL A 201 -12.89 -5.35 -13.17
C VAL A 201 -12.74 -3.83 -13.36
N GLN A 202 -12.76 -3.37 -14.61
CA GLN A 202 -12.66 -1.94 -14.92
C GLN A 202 -13.91 -1.15 -14.50
N SER A 203 -15.05 -1.84 -14.44
CA SER A 203 -16.30 -1.24 -13.99
C SER A 203 -16.25 -0.98 -12.49
N HIS A 204 -15.65 -1.90 -11.75
CA HIS A 204 -15.42 -1.70 -10.32
C HIS A 204 -14.36 -0.65 -10.06
N ILE A 205 -13.32 -0.63 -10.91
CA ILE A 205 -12.28 0.39 -10.82
C ILE A 205 -12.85 1.79 -11.09
N GLY A 206 -13.77 1.85 -12.06
CA GLY A 206 -14.48 3.09 -12.40
C GLY A 206 -15.27 3.68 -11.24
N SER A 207 -15.93 2.81 -10.48
CA SER A 207 -16.75 3.23 -9.34
C SER A 207 -15.88 3.74 -8.19
N LEU A 208 -14.69 3.17 -8.04
CA LEU A 208 -13.71 3.65 -7.07
C LEU A 208 -13.09 4.98 -7.50
N ASN A 209 -12.81 5.13 -8.80
CA ASN A 209 -12.35 6.40 -9.36
C ASN A 209 -13.30 7.53 -8.98
N TRP A 210 -14.60 7.27 -9.17
CA TRP A 210 -15.64 8.25 -8.88
C TRP A 210 -15.88 8.39 -7.38
N GLY A 211 -15.76 7.27 -6.66
CA GLY A 211 -15.92 7.25 -5.21
C GLY A 211 -14.96 8.19 -4.50
N TYR A 212 -13.71 8.22 -4.96
CA TYR A 212 -12.71 9.12 -4.40
C TYR A 212 -12.96 10.59 -4.75
N LYS A 213 -13.45 10.84 -5.97
CA LYS A 213 -13.77 12.21 -6.41
C LYS A 213 -14.91 12.79 -5.57
N VAL A 214 -15.89 11.95 -5.24
CA VAL A 214 -17.03 12.33 -4.39
C VAL A 214 -16.58 12.53 -2.94
N ALA A 215 -15.73 11.63 -2.45
CA ALA A 215 -15.22 11.71 -1.08
C ALA A 215 -14.45 13.01 -0.82
N LEU A 216 -13.59 13.38 -1.75
CA LEU A 216 -12.79 14.62 -1.62
C LEU A 216 -13.70 15.84 -1.67
N ARG A 217 -14.71 15.81 -2.53
CA ARG A 217 -15.69 16.89 -2.63
C ARG A 217 -16.48 17.05 -1.32
N ASP A 218 -17.03 15.93 -0.81
CA ASP A 218 -17.83 15.94 0.41
C ASP A 218 -17.03 16.36 1.64
N ASN A 219 -15.73 16.05 1.64
CA ASN A 219 -14.82 16.50 2.69
C ASN A 219 -14.21 17.88 2.40
N GLN A 220 -14.71 18.54 1.37
CA GLN A 220 -14.29 19.89 0.97
C GLN A 220 -12.80 20.00 0.66
N VAL A 221 -12.26 18.96 0.03
CA VAL A 221 -10.88 18.92 -0.40
C VAL A 221 -10.83 19.26 -1.89
N THR A 222 -10.01 20.24 -2.23
CA THR A 222 -9.81 20.63 -3.63
C THR A 222 -9.02 19.54 -4.36
N TYR A 223 -9.68 18.92 -5.35
CA TYR A 223 -9.02 17.96 -6.20
C TYR A 223 -8.63 18.61 -7.53
N LEU A 224 -7.34 18.56 -7.84
CA LEU A 224 -6.85 19.07 -9.11
C LEU A 224 -6.19 17.93 -9.89
N ASN A 225 -6.69 17.71 -11.10
CA ASN A 225 -6.09 16.76 -12.03
C ASN A 225 -4.94 17.45 -12.77
N ALA A 226 -3.80 17.53 -12.08
CA ALA A 226 -2.64 18.26 -12.58
C ALA A 226 -1.34 17.61 -12.12
N LYS A 227 -0.25 17.89 -12.84
CA LYS A 227 1.07 17.44 -12.45
C LYS A 227 1.73 18.48 -11.57
N GLY A 228 2.05 18.09 -10.34
CA GLY A 228 2.69 18.98 -9.39
C GLY A 228 4.20 18.91 -9.44
N ARG A 229 4.83 20.03 -9.09
CA ARG A 229 6.28 20.11 -9.00
C ARG A 229 6.68 21.10 -7.90
N LEU A 230 7.36 20.58 -6.88
CA LEU A 230 7.82 21.41 -5.76
C LEU A 230 9.06 22.22 -6.17
N ILE A 231 8.87 23.53 -6.36
CA ILE A 231 9.97 24.42 -6.79
C ILE A 231 10.62 25.18 -5.62
N SER A 232 9.87 25.31 -4.53
CA SER A 232 10.38 25.88 -3.27
C SER A 232 9.59 25.27 -2.11
N PRO A 233 10.12 25.34 -0.87
CA PRO A 233 9.50 24.66 0.27
C PRO A 233 7.99 24.86 0.39
N HIS A 234 7.49 26.02 0.00
CA HIS A 234 6.06 26.32 0.12
C HIS A 234 5.37 26.53 -1.23
N GLU A 235 6.11 26.38 -2.32
CA GLU A 235 5.56 26.58 -3.66
C GLU A 235 5.50 25.30 -4.48
N VAL A 236 4.33 25.03 -5.04
CA VAL A 236 4.13 23.87 -5.90
C VAL A 236 3.64 24.35 -7.26
N GLN A 237 4.41 24.02 -8.30
CA GLN A 237 4.03 24.34 -9.67
C GLN A 237 3.13 23.25 -10.23
N ILE A 238 1.97 23.64 -10.75
CA ILE A 238 1.03 22.71 -11.36
C ILE A 238 0.92 22.87 -12.89
N THR A 239 0.54 21.78 -13.55
CA THR A 239 0.29 21.78 -14.99
C THR A 239 -0.97 20.98 -15.26
N ASP A 240 -2.01 21.64 -15.78
CA ASP A 240 -3.31 21.01 -16.03
C ASP A 240 -3.40 20.36 -17.41
N LYS A 241 -4.62 19.97 -17.79
CA LYS A 241 -4.90 19.30 -19.06
C LYS A 241 -4.60 20.16 -20.29
N ASN A 242 -4.72 21.49 -20.13
CA ASN A 242 -4.48 22.43 -21.22
C ASN A 242 -3.05 22.98 -21.24
N GLN A 243 -2.18 22.35 -20.44
CA GLN A 243 -0.77 22.74 -20.30
C GLN A 243 -0.56 24.14 -19.69
N LYS A 244 -1.58 24.63 -18.98
CA LYS A 244 -1.47 25.87 -18.22
C LYS A 244 -0.56 25.66 -17.01
N VAL A 245 0.46 26.51 -16.89
CA VAL A 245 1.40 26.43 -15.79
C VAL A 245 1.08 27.49 -14.74
N SER A 246 0.94 27.06 -13.49
CA SER A 246 0.60 27.97 -12.40
C SER A 246 1.25 27.52 -11.09
N THR A 247 1.25 28.42 -10.10
CA THR A 247 1.89 28.16 -8.80
C THR A 247 0.89 28.33 -7.65
N ILE A 248 0.81 27.30 -6.81
CA ILE A 248 0.00 27.35 -5.59
C ILE A 248 0.89 27.23 -4.36
N THR A 249 0.49 27.88 -3.27
CA THR A 249 1.26 27.84 -2.02
C THR A 249 0.57 27.04 -0.93
N GLY A 250 1.37 26.32 -0.15
CA GLY A 250 0.88 25.51 0.96
C GLY A 250 1.79 25.54 2.17
N ASN A 251 1.19 25.48 3.35
CA ASN A 251 1.96 25.47 4.60
C ASN A 251 2.77 24.19 4.72
N LYS A 252 2.08 23.05 4.67
CA LYS A 252 2.73 21.75 4.73
CA LYS A 252 2.73 21.75 4.74
C LYS A 252 2.59 21.02 3.40
N ILE A 253 3.65 20.29 3.03
CA ILE A 253 3.65 19.57 1.76
C ILE A 253 3.87 18.09 2.03
N ILE A 254 2.93 17.26 1.58
CA ILE A 254 3.10 15.81 1.64
C ILE A 254 3.36 15.26 0.25
N LEU A 255 4.53 14.65 0.09
CA LEU A 255 4.91 14.01 -1.17
C LEU A 255 4.45 12.56 -1.12
N ALA A 256 3.56 12.20 -2.04
CA ALA A 256 3.03 10.85 -2.13
C ALA A 256 2.87 10.44 -3.58
N THR A 257 3.98 10.49 -4.32
CA THR A 257 3.96 10.35 -5.79
C THR A 257 4.12 8.92 -6.28
N GLY A 258 4.44 8.01 -5.36
CA GLY A 258 4.51 6.58 -5.68
C GLY A 258 5.56 6.21 -6.69
N GLU A 259 5.39 5.04 -7.30
CA GLU A 259 6.37 4.50 -8.25
C GLU A 259 5.72 4.05 -9.55
N ARG A 260 6.56 3.77 -10.55
CA ARG A 260 6.13 3.19 -11.82
C ARG A 260 7.08 2.05 -12.17
N PRO A 261 6.64 1.11 -13.02
CA PRO A 261 7.48 -0.05 -13.39
C PRO A 261 8.75 0.33 -14.14
N LYS A 262 9.81 -0.45 -13.93
CA LYS A 262 11.09 -0.27 -14.62
C LYS A 262 11.08 -0.96 -15.97
N TYR A 263 11.89 -0.47 -16.90
CA TYR A 263 12.19 -1.15 -18.15
C TYR A 263 13.69 -1.45 -18.20
N PRO A 264 14.06 -2.69 -18.60
CA PRO A 264 15.48 -2.98 -18.81
C PRO A 264 16.00 -2.20 -20.01
N GLU A 265 17.27 -1.80 -19.95
CA GLU A 265 17.88 -1.01 -21.01
C GLU A 265 18.29 -1.90 -22.19
N ILE A 266 17.29 -2.34 -22.94
CA ILE A 266 17.47 -3.21 -24.11
C ILE A 266 16.59 -2.75 -25.27
N PRO A 267 16.96 -3.10 -26.52
CA PRO A 267 16.12 -2.74 -27.67
C PRO A 267 14.81 -3.52 -27.70
N GLY A 268 13.71 -2.83 -28.01
CA GLY A 268 12.41 -3.46 -28.18
C GLY A 268 11.51 -3.45 -26.95
N ALA A 269 12.12 -3.32 -25.77
CA ALA A 269 11.41 -3.40 -24.49
C ALA A 269 10.27 -2.38 -24.35
N VAL A 270 10.59 -1.11 -24.54
CA VAL A 270 9.63 -0.01 -24.40
C VAL A 270 8.59 -0.04 -25.53
N GLU A 271 9.01 -0.48 -26.70
CA GLU A 271 8.15 -0.50 -27.88
C GLU A 271 7.17 -1.67 -27.90
N TYR A 272 7.69 -2.87 -27.61
CA TYR A 272 6.93 -4.10 -27.87
C TYR A 272 6.50 -4.87 -26.62
N GLY A 273 6.99 -4.44 -25.46
CA GLY A 273 6.63 -5.07 -24.19
C GLY A 273 5.65 -4.23 -23.38
N ILE A 274 4.91 -4.90 -22.50
CA ILE A 274 3.99 -4.22 -21.57
C ILE A 274 4.43 -4.41 -20.13
N THR A 275 3.83 -3.65 -19.22
CA THR A 275 4.01 -3.85 -17.78
C THR A 275 2.67 -4.17 -17.12
N SER A 276 2.66 -4.23 -15.79
CA SER A 276 1.43 -4.39 -15.04
C SER A 276 0.47 -3.21 -15.25
N ASP A 277 1.02 -2.04 -15.59
CA ASP A 277 0.24 -0.85 -15.87
C ASP A 277 -0.71 -1.02 -17.07
N ASP A 278 -0.34 -1.91 -17.99
CA ASP A 278 -1.12 -2.13 -19.21
C ASP A 278 -1.99 -3.37 -19.14
N LEU A 279 -1.53 -4.37 -18.38
CA LEU A 279 -2.20 -5.68 -18.31
C LEU A 279 -3.64 -5.63 -17.82
N PHE A 280 -3.90 -4.80 -16.82
CA PHE A 280 -5.20 -4.81 -16.13
C PHE A 280 -6.35 -4.16 -16.91
N SER A 281 -6.02 -3.40 -17.96
CA SER A 281 -7.04 -2.87 -18.85
C SER A 281 -6.86 -3.36 -20.29
N LEU A 282 -5.98 -4.35 -20.47
CA LEU A 282 -5.63 -4.87 -21.79
C LEU A 282 -6.86 -5.37 -22.56
N PRO A 283 -7.13 -4.74 -23.72
CA PRO A 283 -8.32 -5.09 -24.51
C PRO A 283 -8.32 -6.53 -25.02
N TYR A 284 -7.13 -7.07 -25.29
CA TYR A 284 -6.98 -8.43 -25.81
C TYR A 284 -6.40 -9.37 -24.76
N PHE A 285 -6.61 -10.67 -24.94
CA PHE A 285 -5.99 -11.67 -24.08
C PHE A 285 -4.52 -11.82 -24.46
N PRO A 286 -3.60 -11.70 -23.48
CA PRO A 286 -2.15 -11.79 -23.69
C PRO A 286 -1.71 -13.00 -24.53
N GLY A 287 -2.37 -14.14 -24.36
CA GLY A 287 -2.03 -15.35 -25.11
C GLY A 287 -0.76 -15.97 -24.56
N LYS A 288 0.05 -16.53 -25.44
CA LYS A 288 1.35 -17.08 -25.05
C LYS A 288 2.22 -15.93 -24.52
N THR A 289 2.50 -15.98 -23.23
CA THR A 289 3.08 -14.84 -22.52
C THR A 289 4.40 -15.16 -21.85
N LEU A 290 5.34 -14.24 -21.95
CA LEU A 290 6.57 -14.29 -21.19
C LEU A 290 6.59 -13.19 -20.14
N VAL A 291 6.79 -13.58 -18.88
CA VAL A 291 6.94 -12.62 -17.80
C VAL A 291 8.41 -12.57 -17.41
N ILE A 292 9.03 -11.43 -17.67
CA ILE A 292 10.43 -11.20 -17.31
C ILE A 292 10.51 -10.56 -15.93
N GLY A 293 11.11 -11.28 -14.99
CA GLY A 293 11.16 -10.86 -13.59
C GLY A 293 10.68 -11.95 -12.66
N ALA A 294 10.98 -11.79 -11.37
CA ALA A 294 10.68 -12.81 -10.35
C ALA A 294 10.11 -12.20 -9.07
N SER A 295 9.73 -10.93 -9.15
CA SER A 295 9.07 -10.23 -8.04
C SER A 295 7.68 -10.82 -7.78
N TYR A 296 7.02 -10.36 -6.73
CA TYR A 296 5.66 -10.82 -6.42
C TYR A 296 4.66 -10.43 -7.50
N VAL A 297 4.89 -9.27 -8.14
CA VAL A 297 4.09 -8.83 -9.28
C VAL A 297 4.18 -9.83 -10.43
N ALA A 298 5.42 -10.24 -10.74
CA ALA A 298 5.69 -11.18 -11.82
C ALA A 298 4.97 -12.51 -11.60
N LEU A 299 5.12 -13.05 -10.40
CA LEU A 299 4.57 -14.36 -10.08
C LEU A 299 3.05 -14.35 -9.94
N GLU A 300 2.51 -13.28 -9.35
CA GLU A 300 1.06 -13.12 -9.22
C GLU A 300 0.39 -13.07 -10.59
N CYS A 301 0.93 -12.23 -11.47
CA CYS A 301 0.41 -12.07 -12.83
C CYS A 301 0.50 -13.33 -13.66
N ALA A 302 1.70 -13.92 -13.73
CA ALA A 302 1.91 -15.20 -14.39
C ALA A 302 0.98 -16.26 -13.82
N GLY A 303 0.74 -16.19 -12.52
CA GLY A 303 -0.11 -17.14 -11.80
C GLY A 303 -1.52 -17.22 -12.34
N PHE A 304 -2.24 -16.10 -12.37
CA PHE A 304 -3.62 -16.11 -12.84
C PHE A 304 -3.75 -16.26 -14.35
N LEU A 305 -2.77 -15.74 -15.11
CA LEU A 305 -2.78 -15.87 -16.56
C LEU A 305 -2.77 -17.34 -17.00
N ALA A 306 -2.01 -18.16 -16.27
CA ALA A 306 -1.98 -19.60 -16.51
C ALA A 306 -3.33 -20.24 -16.17
N SER A 307 -3.94 -19.78 -15.08
CA SER A 307 -5.23 -20.27 -14.63
C SER A 307 -6.38 -19.82 -15.55
N LEU A 308 -6.12 -18.80 -16.36
CA LEU A 308 -7.10 -18.33 -17.34
C LEU A 308 -6.78 -18.85 -18.75
N GLY A 309 -6.27 -20.08 -18.82
CA GLY A 309 -5.95 -20.76 -20.09
C GLY A 309 -4.86 -20.07 -20.89
N GLY A 310 -3.75 -19.75 -20.22
CA GLY A 310 -2.63 -19.10 -20.87
C GLY A 310 -1.38 -19.94 -20.88
N ASP A 311 -0.59 -19.80 -21.93
CA ASP A 311 0.71 -20.44 -22.06
C ASP A 311 1.73 -19.46 -21.50
N VAL A 312 2.16 -19.69 -20.27
CA VAL A 312 2.94 -18.70 -19.53
C VAL A 312 4.34 -19.19 -19.19
N THR A 313 5.32 -18.36 -19.50
CA THR A 313 6.72 -18.62 -19.13
C THR A 313 7.24 -17.46 -18.29
N VAL A 314 7.95 -17.79 -17.22
CA VAL A 314 8.59 -16.80 -16.37
C VAL A 314 10.11 -16.87 -16.54
N MET A 315 10.71 -15.75 -16.90
CA MET A 315 12.15 -15.67 -17.07
C MET A 315 12.81 -15.12 -15.82
N VAL A 316 13.60 -15.94 -15.16
CA VAL A 316 14.17 -15.62 -13.85
C VAL A 316 15.67 -15.37 -13.97
N ARG A 317 16.12 -14.22 -13.49
CA ARG A 317 17.55 -13.88 -13.53
C ARG A 317 18.36 -14.72 -12.54
N SER A 318 17.89 -14.81 -11.30
CA SER A 318 18.54 -15.62 -10.29
C SER A 318 17.57 -16.39 -9.39
N ILE A 319 16.94 -15.68 -8.46
CA ILE A 319 16.05 -16.28 -7.46
C ILE A 319 14.62 -15.71 -7.52
N LEU A 320 13.68 -16.44 -6.94
CA LEU A 320 12.30 -15.97 -6.85
C LEU A 320 12.10 -15.13 -5.59
N LEU A 321 11.25 -14.11 -5.70
CA LEU A 321 10.89 -13.26 -4.56
C LEU A 321 12.09 -12.89 -3.69
N ARG A 322 13.03 -12.17 -4.28
CA ARG A 322 14.20 -11.66 -3.54
C ARG A 322 13.71 -10.78 -2.40
N GLY A 323 14.22 -11.04 -1.20
CA GLY A 323 13.79 -10.31 0.00
C GLY A 323 12.83 -11.09 0.87
N PHE A 324 12.12 -12.05 0.26
CA PHE A 324 11.22 -12.94 0.99
C PHE A 324 11.95 -14.21 1.42
N ASP A 325 11.37 -14.93 2.38
CA ASP A 325 11.87 -16.23 2.82
C ASP A 325 12.07 -17.15 1.62
N GLN A 326 13.30 -17.63 1.43
CA GLN A 326 13.66 -18.38 0.23
C GLN A 326 13.14 -19.81 0.14
N GLN A 327 12.97 -20.45 1.30
CA GLN A 327 12.31 -21.75 1.36
C GLN A 327 10.86 -21.59 0.91
N MET A 328 10.20 -20.58 1.46
CA MET A 328 8.82 -20.28 1.10
C MET A 328 8.69 -19.90 -0.37
N ALA A 329 9.65 -19.10 -0.86
CA ALA A 329 9.66 -18.69 -2.27
C ALA A 329 9.78 -19.88 -3.21
N GLU A 330 10.57 -20.88 -2.83
CA GLU A 330 10.73 -22.08 -3.63
C GLU A 330 9.43 -22.88 -3.71
N LYS A 331 8.71 -22.96 -2.59
CA LYS A 331 7.45 -23.68 -2.54
C LYS A 331 6.37 -22.98 -3.39
N VAL A 332 6.38 -21.65 -3.38
CA VAL A 332 5.48 -20.86 -4.23
C VAL A 332 5.72 -21.19 -5.69
N GLY A 333 7.00 -21.27 -6.08
CA GLY A 333 7.39 -21.58 -7.45
C GLY A 333 7.09 -23.00 -7.87
N ASP A 334 7.33 -23.95 -6.95
CA ASP A 334 7.06 -25.36 -7.19
C ASP A 334 5.60 -25.62 -7.54
N TYR A 335 4.70 -24.98 -6.78
CA TYR A 335 3.27 -25.09 -7.04
C TYR A 335 2.91 -24.58 -8.43
N MET A 336 3.44 -23.40 -8.77
CA MET A 336 3.23 -22.78 -10.07
C MET A 336 3.75 -23.65 -11.22
N GLU A 337 4.94 -24.23 -11.03
CA GLU A 337 5.55 -25.10 -12.02
C GLU A 337 4.74 -26.41 -12.21
N ASN A 338 4.13 -26.88 -11.13
CA ASN A 338 3.28 -28.06 -11.18
C ASN A 338 1.86 -27.77 -11.67
N HIS A 339 1.53 -26.49 -11.82
CA HIS A 339 0.23 -26.07 -12.34
C HIS A 339 0.31 -25.18 -13.59
N GLY A 340 1.18 -25.55 -14.53
CA GLY A 340 1.22 -24.89 -15.84
C GLY A 340 2.35 -23.91 -16.12
N VAL A 341 2.75 -23.15 -15.10
CA VAL A 341 3.76 -22.10 -15.27
C VAL A 341 5.14 -22.69 -15.59
N LYS A 342 5.71 -22.24 -16.71
CA LYS A 342 7.06 -22.64 -17.10
C LYS A 342 8.07 -21.60 -16.61
N PHE A 343 9.29 -22.05 -16.34
CA PHE A 343 10.36 -21.17 -15.87
C PHE A 343 11.62 -21.27 -16.73
N ALA A 344 12.14 -20.13 -17.15
CA ALA A 344 13.43 -20.03 -17.82
C ALA A 344 14.47 -19.57 -16.81
N LYS A 345 15.18 -20.53 -16.26
CA LYS A 345 16.07 -20.30 -15.11
C LYS A 345 17.39 -19.66 -15.49
N LEU A 346 17.85 -18.74 -14.65
CA LEU A 346 19.14 -18.06 -14.82
C LEU A 346 19.27 -17.39 -16.20
N CYS A 347 18.22 -16.67 -16.59
CA CYS A 347 18.10 -16.15 -17.94
C CYS A 347 17.79 -14.65 -17.93
N VAL A 348 18.40 -13.93 -18.87
CA VAL A 348 18.21 -12.49 -19.04
C VAL A 348 17.94 -12.14 -20.52
N PRO A 349 17.13 -11.08 -20.77
CA PRO A 349 16.80 -10.76 -22.16
C PRO A 349 17.80 -9.78 -22.79
N ASP A 350 18.00 -9.90 -24.10
CA ASP A 350 18.92 -9.04 -24.83
C ASP A 350 18.19 -8.05 -25.73
N GLU A 351 17.14 -8.53 -26.40
CA GLU A 351 16.30 -7.69 -27.26
C GLU A 351 14.98 -8.38 -27.58
N ILE A 352 13.99 -7.54 -27.92
CA ILE A 352 12.71 -8.03 -28.42
C ILE A 352 12.51 -7.49 -29.84
N LYS A 353 12.38 -8.42 -30.78
CA LYS A 353 12.08 -8.08 -32.17
C LYS A 353 10.59 -8.29 -32.42
N GLN A 354 9.97 -7.34 -33.12
CA GLN A 354 8.56 -7.47 -33.49
C GLN A 354 8.42 -8.35 -34.72
N LEU A 355 7.60 -9.40 -34.60
CA LEU A 355 7.29 -10.27 -35.73
C LEU A 355 5.90 -9.96 -36.29
N LYS A 356 5.04 -9.39 -35.44
CA LYS A 356 3.66 -9.09 -35.82
C LYS A 356 3.14 -7.94 -34.97
N VAL A 357 2.45 -7.00 -35.60
CA VAL A 357 1.91 -5.82 -34.93
C VAL A 357 0.57 -6.15 -34.29
N VAL A 358 0.36 -5.64 -33.07
CA VAL A 358 -0.89 -5.81 -32.32
C VAL A 358 -2.10 -5.38 -33.17
N ASP A 359 -3.03 -6.31 -33.34
CA ASP A 359 -4.24 -6.08 -34.12
C ASP A 359 -5.30 -5.39 -33.26
N THR A 360 -5.42 -4.08 -33.41
CA THR A 360 -6.34 -3.26 -32.62
C THR A 360 -7.81 -3.57 -32.92
N GLU A 361 -8.16 -3.64 -34.21
CA GLU A 361 -9.55 -3.83 -34.64
C GLU A 361 -10.05 -5.28 -34.59
N ASN A 362 -9.21 -6.21 -34.11
CA ASN A 362 -9.60 -7.61 -33.98
C ASN A 362 -9.39 -8.18 -32.57
N ASN A 363 -8.94 -7.33 -31.65
CA ASN A 363 -8.63 -7.71 -30.26
C ASN A 363 -7.74 -8.95 -30.16
N LYS A 364 -6.58 -8.86 -30.79
CA LYS A 364 -5.57 -9.91 -30.76
C LYS A 364 -4.18 -9.32 -30.53
N PRO A 365 -3.31 -10.06 -29.81
CA PRO A 365 -1.94 -9.61 -29.62
C PRO A 365 -1.11 -9.75 -30.89
N GLY A 366 0.03 -9.08 -30.94
CA GLY A 366 0.99 -9.27 -32.03
C GLY A 366 1.79 -10.55 -31.84
N LEU A 367 3.03 -10.53 -32.33
CA LEU A 367 3.96 -11.63 -32.10
C LEU A 367 5.36 -11.06 -31.94
N LEU A 368 6.07 -11.54 -30.92
CA LEU A 368 7.39 -11.02 -30.59
C LEU A 368 8.42 -12.14 -30.54
N LEU A 369 9.61 -11.85 -31.05
CA LEU A 369 10.76 -12.74 -30.89
C LEU A 369 11.61 -12.26 -29.72
N VAL A 370 11.79 -13.13 -28.73
CA VAL A 370 12.58 -12.80 -27.56
C VAL A 370 13.96 -13.45 -27.63
N LYS A 371 14.98 -12.61 -27.74
CA LYS A 371 16.36 -13.06 -27.73
C LYS A 371 16.98 -12.75 -26.38
N GLY A 372 17.61 -13.77 -25.78
CA GLY A 372 18.29 -13.61 -24.50
C GLY A 372 19.44 -14.59 -24.37
N HIS A 373 20.04 -14.62 -23.18
CA HIS A 373 21.11 -15.57 -22.90
C HIS A 373 21.08 -16.08 -21.46
N TYR A 374 21.52 -17.32 -21.28
CA TYR A 374 21.68 -17.91 -19.96
C TYR A 374 23.00 -17.44 -19.33
N THR A 375 23.18 -17.73 -18.04
CA THR A 375 24.38 -17.30 -17.30
C THR A 375 25.68 -17.90 -17.85
N ASP A 376 25.61 -19.14 -18.30
CA ASP A 376 26.79 -19.83 -18.86
C ASP A 376 27.27 -19.21 -20.17
N GLY A 377 26.34 -18.68 -20.95
CA GLY A 377 26.65 -18.07 -22.24
C GLY A 377 25.75 -18.56 -23.37
N LYS A 378 25.02 -19.65 -23.11
CA LYS A 378 24.10 -20.24 -24.09
C LYS A 378 23.00 -19.26 -24.49
N LYS A 379 22.49 -19.42 -25.71
CA LYS A 379 21.51 -18.50 -26.28
C LYS A 379 20.06 -18.90 -25.98
N PHE A 380 19.21 -17.89 -25.78
CA PHE A 380 17.77 -18.07 -25.62
C PHE A 380 17.04 -17.43 -26.80
N GLU A 381 16.14 -18.19 -27.42
CA GLU A 381 15.33 -17.68 -28.53
C GLU A 381 13.97 -18.40 -28.60
N GLU A 382 12.90 -17.64 -28.37
CA GLU A 382 11.54 -18.18 -28.43
C GLU A 382 10.50 -17.11 -28.77
N GLU A 383 9.44 -17.52 -29.46
CA GLU A 383 8.35 -16.62 -29.87
C GLU A 383 7.28 -16.50 -28.79
N PHE A 384 6.89 -15.26 -28.49
CA PHE A 384 5.80 -14.99 -27.56
C PHE A 384 4.83 -13.96 -28.12
N GLU A 385 3.55 -14.10 -27.77
CA GLU A 385 2.52 -13.15 -28.18
C GLU A 385 2.54 -11.88 -27.36
N THR A 386 2.84 -12.01 -26.06
CA THR A 386 2.95 -10.87 -25.16
C THR A 386 4.15 -11.02 -24.23
N VAL A 387 4.92 -9.94 -24.11
CA VAL A 387 6.05 -9.87 -23.19
C VAL A 387 5.75 -8.89 -22.07
N ILE A 388 5.70 -9.39 -20.84
CA ILE A 388 5.44 -8.55 -19.67
C ILE A 388 6.71 -8.34 -18.85
N PHE A 389 7.09 -7.07 -18.67
CA PHE A 389 8.21 -6.71 -17.83
C PHE A 389 7.75 -6.41 -16.41
N ALA A 390 8.29 -7.18 -15.47
CA ALA A 390 8.08 -6.93 -14.05
C ALA A 390 9.44 -6.99 -13.36
N VAL A 391 10.33 -6.12 -13.79
CA VAL A 391 11.73 -6.12 -13.37
C VAL A 391 12.02 -5.13 -12.24
N GLY A 392 10.97 -4.64 -11.59
CA GLY A 392 11.10 -3.71 -10.48
C GLY A 392 10.24 -2.49 -10.63
N ARG A 393 10.28 -1.62 -9.63
CA ARG A 393 9.54 -0.36 -9.65
C ARG A 393 10.40 0.78 -9.11
N GLU A 394 10.30 1.95 -9.73
CA GLU A 394 11.14 3.10 -9.38
C GLU A 394 10.35 4.39 -9.15
N PRO A 395 10.80 5.21 -8.18
CA PRO A 395 10.25 6.56 -8.05
C PRO A 395 10.79 7.47 -9.15
N GLN A 396 10.02 8.49 -9.51
CA GLN A 396 10.44 9.41 -10.55
C GLN A 396 10.39 10.84 -10.01
N LEU A 397 11.19 11.09 -8.98
CA LEU A 397 11.15 12.33 -8.22
C LEU A 397 11.95 13.47 -8.85
N SER A 398 12.79 13.16 -9.83
CA SER A 398 13.48 14.19 -10.60
C SER A 398 12.47 15.04 -11.38
N LYS A 399 11.37 14.42 -11.79
CA LYS A 399 10.26 15.11 -12.46
C LYS A 399 9.41 15.90 -11.48
N VAL A 400 9.40 15.46 -10.22
CA VAL A 400 8.52 16.01 -9.19
C VAL A 400 9.22 17.07 -8.35
N LEU A 401 10.54 16.95 -8.25
CA LEU A 401 11.30 17.64 -7.22
C LEU A 401 12.55 18.31 -7.79
N CYS A 402 12.62 19.64 -7.65
CA CYS A 402 13.80 20.42 -8.01
C CYS A 402 14.93 20.13 -7.03
N GLU A 403 16.16 20.00 -7.54
CA GLU A 403 17.34 19.75 -6.73
C GLU A 403 17.64 20.88 -5.74
N THR A 404 17.22 22.09 -6.09
CA THR A 404 17.48 23.30 -5.29
C THR A 404 16.69 23.36 -3.98
N VAL A 405 15.57 22.62 -3.93
CA VAL A 405 14.69 22.64 -2.75
C VAL A 405 15.39 22.06 -1.52
N GLY A 406 16.22 21.04 -1.73
CA GLY A 406 17.01 20.47 -0.66
C GLY A 406 16.43 19.23 0.00
N VAL A 407 15.50 18.57 -0.69
CA VAL A 407 14.95 17.29 -0.22
C VAL A 407 15.93 16.16 -0.59
N LYS A 408 16.51 15.54 0.44
CA LYS A 408 17.53 14.52 0.25
C LYS A 408 16.94 13.19 -0.22
N LEU A 409 17.58 12.60 -1.22
CA LEU A 409 17.20 11.30 -1.74
C LEU A 409 18.35 10.31 -1.58
N ASP A 410 18.02 9.04 -1.37
CA ASP A 410 19.04 7.98 -1.23
C ASP A 410 19.55 7.48 -2.58
N LYS A 411 20.34 6.41 -2.55
CA LYS A 411 20.95 5.82 -3.75
C LYS A 411 19.92 5.35 -4.79
N ASN A 412 18.75 4.94 -4.31
CA ASN A 412 17.67 4.43 -5.17
C ASN A 412 16.65 5.50 -5.56
N GLY A 413 16.95 6.76 -5.26
CA GLY A 413 16.08 7.88 -5.61
C GLY A 413 14.85 8.05 -4.74
N ARG A 414 14.85 7.44 -3.56
CA ARG A 414 13.75 7.56 -2.61
C ARG A 414 14.04 8.59 -1.53
N VAL A 415 12.98 9.25 -1.04
CA VAL A 415 13.11 10.33 -0.06
C VAL A 415 13.54 9.80 1.31
N VAL A 416 14.66 10.35 1.81
CA VAL A 416 15.13 10.03 3.16
C VAL A 416 14.28 10.78 4.17
N CYS A 417 13.65 10.02 5.07
CA CYS A 417 12.73 10.57 6.06
C CYS A 417 13.14 10.27 7.49
N THR A 418 12.65 11.07 8.42
CA THR A 418 12.75 10.79 9.84
C THR A 418 11.62 9.82 10.23
N ASP A 419 11.51 9.49 11.52
CA ASP A 419 10.51 8.53 12.00
C ASP A 419 9.09 9.12 12.05
N ASP A 420 8.97 10.41 11.72
CA ASP A 420 7.67 11.07 11.61
C ASP A 420 7.41 11.56 10.18
N GLU A 421 8.09 10.92 9.22
CA GLU A 421 7.96 11.20 7.78
C GLU A 421 8.48 12.57 7.31
N GLN A 422 9.28 13.24 8.15
CA GLN A 422 9.82 14.55 7.76
C GLN A 422 11.01 14.44 6.84
N THR A 423 10.97 15.18 5.74
CA THR A 423 12.09 15.28 4.80
C THR A 423 13.16 16.20 5.40
N THR A 424 14.23 16.43 4.65
CA THR A 424 15.27 17.37 5.06
C THR A 424 14.80 18.82 5.00
N VAL A 425 13.67 19.05 4.33
CA VAL A 425 12.97 20.33 4.41
C VAL A 425 11.81 20.18 5.39
N SER A 426 11.78 21.06 6.39
CA SER A 426 10.96 20.90 7.59
C SER A 426 9.44 20.80 7.43
N ASN A 427 8.90 21.54 6.45
CA ASN A 427 7.47 21.55 6.20
C ASN A 427 7.06 20.51 5.15
N VAL A 428 8.05 19.78 4.64
CA VAL A 428 7.83 18.81 3.58
C VAL A 428 7.94 17.39 4.14
N TYR A 429 6.96 16.56 3.79
CA TYR A 429 6.87 15.19 4.29
C TYR A 429 6.71 14.23 3.12
N ALA A 430 7.08 12.97 3.35
CA ALA A 430 6.94 11.94 2.32
C ALA A 430 6.38 10.64 2.89
N ILE A 431 5.39 10.08 2.20
CA ILE A 431 4.74 8.85 2.62
C ILE A 431 4.59 7.88 1.46
N GLY A 432 4.28 6.62 1.79
CA GLY A 432 4.04 5.60 0.78
C GLY A 432 5.30 4.98 0.23
N ASP A 433 5.24 4.58 -1.04
CA ASP A 433 6.34 3.89 -1.72
C ASP A 433 7.63 4.71 -1.85
N ILE A 434 7.53 6.04 -1.84
CA ILE A 434 8.71 6.90 -2.01
C ILE A 434 9.51 7.13 -0.72
N ASN A 435 8.96 6.65 0.41
CA ASN A 435 9.63 6.78 1.69
C ASN A 435 10.65 5.66 1.89
N ALA A 436 11.93 6.03 1.86
CA ALA A 436 13.05 5.09 1.87
C ALA A 436 12.97 4.04 2.98
N GLY A 437 13.30 2.80 2.64
CA GLY A 437 13.41 1.71 3.61
C GLY A 437 12.10 1.18 4.18
N LYS A 438 10.98 1.76 3.79
CA LYS A 438 9.68 1.36 4.33
C LYS A 438 9.03 0.29 3.45
N PRO A 439 8.30 -0.65 4.08
CA PRO A 439 7.51 -1.63 3.32
C PRO A 439 6.59 -0.94 2.31
N GLN A 440 6.63 -1.41 1.08
CA GLN A 440 5.89 -0.77 -0.01
C GLN A 440 4.53 -1.42 -0.21
N LEU A 441 3.59 -1.02 0.64
CA LEU A 441 2.26 -1.62 0.68
C LEU A 441 1.19 -0.55 0.93
N THR A 442 -0.02 -0.82 0.47
CA THR A 442 -1.16 0.10 0.58
C THR A 442 -1.49 0.55 2.02
N PRO A 443 -1.72 -0.41 2.95
CA PRO A 443 -2.14 -0.01 4.30
C PRO A 443 -1.05 0.73 5.08
N VAL A 444 0.21 0.49 4.72
CA VAL A 444 1.33 1.23 5.29
C VAL A 444 1.23 2.70 4.87
N ALA A 445 0.97 2.94 3.59
CA ALA A 445 0.77 4.28 3.07
C ALA A 445 -0.44 4.96 3.71
N ILE A 446 -1.49 4.18 3.98
CA ILE A 446 -2.72 4.67 4.60
C ILE A 446 -2.50 5.07 6.06
N GLN A 447 -1.92 4.16 6.85
CA GLN A 447 -1.59 4.44 8.24
C GLN A 447 -0.64 5.64 8.34
N ALA A 448 0.41 5.64 7.53
CA ALA A 448 1.35 6.77 7.48
C ALA A 448 0.62 8.08 7.25
N GLY A 449 -0.16 8.15 6.17
CA GLY A 449 -0.89 9.35 5.78
C GLY A 449 -1.88 9.85 6.82
N ARG A 450 -2.70 8.94 7.33
CA ARG A 450 -3.71 9.27 8.34
C ARG A 450 -3.08 9.79 9.63
N TYR A 451 -2.09 9.06 10.12
CA TYR A 451 -1.40 9.40 11.37
C TYR A 451 -0.63 10.71 11.26
N LEU A 452 0.03 10.92 10.14
CA LEU A 452 0.71 12.19 9.87
C LEU A 452 -0.26 13.36 9.91
N ALA A 453 -1.40 13.21 9.24
CA ALA A 453 -2.43 14.24 9.21
C ALA A 453 -2.96 14.55 10.61
N ARG A 454 -3.04 13.51 11.44
CA ARG A 454 -3.47 13.65 12.84
C ARG A 454 -2.46 14.42 13.69
N ARG A 455 -1.18 14.17 13.45
CA ARG A 455 -0.12 14.87 14.18
C ARG A 455 -0.04 16.34 13.77
N LEU A 456 -0.17 16.59 12.46
CA LEU A 456 -0.07 17.94 11.92
C LEU A 456 -1.21 18.86 12.34
N PHE A 457 -2.44 18.36 12.28
CA PHE A 457 -3.60 19.23 12.42
C PHE A 457 -4.54 18.90 13.59
N ALA A 458 -4.26 17.82 14.32
CA ALA A 458 -5.09 17.44 15.47
C ALA A 458 -4.29 17.24 16.77
N GLY A 459 -3.01 17.59 16.73
CA GLY A 459 -2.15 17.53 17.92
C GLY A 459 -1.85 16.15 18.45
N ALA A 460 -2.01 15.13 17.60
CA ALA A 460 -1.69 13.75 17.97
C ALA A 460 -0.18 13.56 18.02
N THR A 461 0.25 12.50 18.73
CA THR A 461 1.68 12.20 18.89
C THR A 461 2.07 10.85 18.30
N GLU A 462 1.07 10.02 18.03
CA GLU A 462 1.31 8.63 17.62
C GLU A 462 2.00 8.52 16.27
N LEU A 463 3.14 7.81 16.27
CA LEU A 463 3.89 7.54 15.06
C LEU A 463 3.45 6.22 14.44
N THR A 464 3.74 6.04 13.15
CA THR A 464 3.48 4.80 12.44
C THR A 464 4.58 3.78 12.76
N ASP A 465 4.17 2.57 13.12
CA ASP A 465 5.08 1.47 13.37
C ASP A 465 5.29 0.67 12.08
N TYR A 466 6.54 0.63 11.60
CA TYR A 466 6.87 -0.02 10.33
C TYR A 466 7.47 -1.42 10.50
N SER A 467 7.66 -1.84 11.76
CA SER A 467 8.21 -3.16 12.03
C SER A 467 7.13 -4.23 12.00
N ASN A 468 7.53 -5.44 11.58
CA ASN A 468 6.65 -6.62 11.54
C ASN A 468 5.34 -6.44 10.75
N VAL A 469 5.39 -5.61 9.70
CA VAL A 469 4.26 -5.43 8.79
C VAL A 469 4.04 -6.72 8.00
N ALA A 470 2.83 -7.27 8.10
CA ALA A 470 2.48 -8.52 7.44
C ALA A 470 2.24 -8.34 5.94
N THR A 471 2.62 -9.35 5.16
CA THR A 471 2.44 -9.35 3.71
C THR A 471 1.67 -10.59 3.24
N THR A 472 1.08 -10.51 2.06
CA THR A 472 0.56 -11.69 1.36
C THR A 472 0.80 -11.60 -0.14
N VAL A 473 1.56 -12.55 -0.66
CA VAL A 473 1.76 -12.72 -2.09
C VAL A 473 0.60 -13.54 -2.65
N PHE A 474 -0.19 -12.94 -3.52
CA PHE A 474 -1.39 -13.57 -4.06
C PHE A 474 -1.13 -14.41 -5.31
N THR A 475 -0.22 -15.38 -5.16
CA THR A 475 0.06 -16.38 -6.19
C THR A 475 -1.04 -17.47 -6.17
N PRO A 476 -1.10 -18.34 -7.21
CA PRO A 476 -2.10 -19.40 -7.26
C PRO A 476 -2.34 -20.05 -5.89
N LEU A 477 -1.26 -20.44 -5.23
CA LEU A 477 -1.30 -20.74 -3.81
C LEU A 477 -0.68 -19.57 -3.05
N GLU A 478 -1.52 -18.93 -2.24
CA GLU A 478 -1.14 -17.70 -1.56
C GLU A 478 -0.07 -17.90 -0.49
N TYR A 479 0.80 -16.92 -0.36
CA TYR A 479 1.85 -16.95 0.66
C TYR A 479 1.76 -15.73 1.58
N GLY A 480 1.41 -15.98 2.83
CA GLY A 480 1.31 -14.94 3.85
C GLY A 480 2.48 -15.00 4.81
N ALA A 481 3.10 -13.84 5.05
CA ALA A 481 4.22 -13.74 5.97
C ALA A 481 4.04 -12.56 6.93
N CYS A 482 4.66 -12.69 8.11
CA CYS A 482 4.72 -11.60 9.08
C CYS A 482 5.96 -11.77 9.94
N GLY A 483 6.94 -10.88 9.75
CA GLY A 483 8.16 -10.90 10.54
C GLY A 483 9.38 -11.25 9.72
N LEU A 484 10.39 -11.82 10.37
CA LEU A 484 11.65 -12.13 9.72
C LEU A 484 11.59 -13.48 9.00
N SER A 485 12.30 -13.56 7.89
CA SER A 485 12.53 -14.85 7.22
C SER A 485 13.46 -15.71 8.06
N GLU A 486 13.53 -17.00 7.74
CA GLU A 486 14.37 -17.93 8.50
C GLU A 486 15.85 -17.57 8.38
N GLU A 487 16.31 -17.27 7.16
CA GLU A 487 17.69 -16.89 6.91
C GLU A 487 18.10 -15.58 7.59
N ASP A 488 17.16 -14.63 7.69
CA ASP A 488 17.42 -13.36 8.36
C ASP A 488 17.52 -13.49 9.88
N ALA A 489 16.64 -14.31 10.45
CA ALA A 489 16.65 -14.58 11.90
C ALA A 489 17.92 -15.33 12.31
N ILE A 490 18.33 -16.28 11.49
CA ILE A 490 19.55 -17.04 11.72
C ILE A 490 20.78 -16.14 11.65
N GLU A 491 20.82 -15.27 10.64
CA GLU A 491 21.90 -14.30 10.48
C GLU A 491 22.00 -13.33 11.67
N LYS A 492 20.86 -12.85 12.14
CA LYS A 492 20.81 -11.83 13.19
C LYS A 492 21.15 -12.37 14.58
N TYR A 493 20.79 -13.62 14.85
CA TYR A 493 20.91 -14.18 16.20
C TYR A 493 21.78 -15.44 16.33
N GLY A 494 22.04 -16.10 15.21
CA GLY A 494 22.83 -17.33 15.22
C GLY A 494 21.96 -18.58 15.13
N ASP A 495 22.45 -19.57 14.40
CA ASP A 495 21.73 -20.82 14.15
C ASP A 495 21.31 -21.56 15.41
N LYS A 496 22.15 -21.48 16.45
CA LYS A 496 21.91 -22.18 17.72
C LYS A 496 20.82 -21.54 18.57
N ASP A 497 20.45 -20.29 18.24
CA ASP A 497 19.45 -19.55 19.00
C ASP A 497 18.08 -19.55 18.29
N ILE A 498 18.03 -20.15 17.11
CA ILE A 498 16.79 -20.17 16.31
C ILE A 498 16.14 -21.56 16.28
N GLU A 499 14.88 -21.62 16.70
CA GLU A 499 14.08 -22.82 16.63
C GLU A 499 12.91 -22.62 15.68
N VAL A 500 12.79 -23.52 14.70
CA VAL A 500 11.75 -23.42 13.67
C VAL A 500 10.75 -24.57 13.79
N TYR A 501 9.53 -24.25 14.21
CA TYR A 501 8.44 -25.23 14.23
C TYR A 501 7.73 -25.18 12.89
N HIS A 502 7.42 -26.35 12.33
CA HIS A 502 6.80 -26.42 11.01
C HIS A 502 5.91 -27.65 10.81
N SER A 503 4.99 -27.55 9.86
CA SER A 503 4.10 -28.64 9.51
C SER A 503 3.49 -28.44 8.13
N ASN A 504 3.46 -29.52 7.36
CA ASN A 504 2.64 -29.62 6.18
C ASN A 504 1.19 -29.82 6.59
N PHE A 505 0.27 -29.40 5.74
CA PHE A 505 -1.15 -29.62 5.97
C PHE A 505 -1.93 -29.61 4.66
N LYS A 506 -3.20 -29.99 4.74
CA LYS A 506 -4.08 -30.02 3.57
C LYS A 506 -5.44 -29.46 3.99
N PRO A 507 -5.98 -28.53 3.18
CA PRO A 507 -7.31 -28.00 3.47
C PRO A 507 -8.35 -29.12 3.40
N LEU A 508 -9.32 -29.09 4.31
CA LEU A 508 -10.41 -30.07 4.30
C LEU A 508 -11.15 -30.08 2.96
N GLU A 509 -11.24 -28.91 2.34
CA GLU A 509 -11.91 -28.73 1.05
C GLU A 509 -11.23 -29.46 -0.10
N TRP A 510 -9.95 -29.79 0.08
CA TRP A 510 -9.14 -30.43 -0.94
C TRP A 510 -9.23 -31.96 -0.88
N THR A 511 -9.82 -32.49 0.18
CA THR A 511 -9.92 -33.94 0.37
C THR A 511 -10.87 -34.59 -0.63
N VAL A 512 -12.11 -34.12 -0.65
CA VAL A 512 -13.12 -34.58 -1.60
C VAL A 512 -12.74 -34.15 -3.02
N ALA A 513 -12.12 -32.99 -3.15
CA ALA A 513 -11.71 -32.44 -4.45
C ALA A 513 -10.51 -33.16 -5.06
N HIS A 514 -9.92 -34.10 -4.31
CA HIS A 514 -8.78 -34.91 -4.74
C HIS A 514 -7.56 -34.08 -5.18
N ARG A 515 -7.18 -33.12 -4.34
CA ARG A 515 -5.99 -32.31 -4.59
C ARG A 515 -4.79 -32.83 -3.79
N GLU A 516 -3.60 -32.39 -4.18
CA GLU A 516 -2.35 -32.98 -3.67
C GLU A 516 -2.18 -32.80 -2.16
N ASP A 517 -1.76 -33.89 -1.50
CA ASP A 517 -1.43 -33.84 -0.08
C ASP A 517 -0.10 -33.11 0.12
N ASN A 518 0.05 -32.50 1.29
CA ASN A 518 1.32 -31.91 1.73
C ASN A 518 1.90 -30.83 0.80
N VAL A 519 1.01 -29.98 0.30
CA VAL A 519 1.40 -28.83 -0.52
C VAL A 519 1.40 -27.56 0.33
N CYS A 520 0.40 -27.43 1.21
CA CYS A 520 0.31 -26.31 2.13
C CYS A 520 1.31 -26.47 3.27
N TYR A 521 2.07 -25.42 3.53
CA TYR A 521 3.15 -25.45 4.52
C TYR A 521 3.10 -24.20 5.38
N MET A 522 3.37 -24.37 6.67
CA MET A 522 3.50 -23.24 7.58
C MET A 522 4.63 -23.46 8.58
N LYS A 523 5.21 -22.36 9.04
CA LYS A 523 6.29 -22.42 10.02
C LYS A 523 6.30 -21.20 10.95
N LEU A 524 6.84 -21.42 12.15
CA LEU A 524 7.10 -20.33 13.09
C LEU A 524 8.60 -20.28 13.39
N VAL A 525 9.21 -19.16 13.04
CA VAL A 525 10.62 -18.90 13.33
C VAL A 525 10.71 -18.27 14.72
N CYS A 526 11.50 -18.86 15.61
CA CYS A 526 11.52 -18.47 17.01
C CYS A 526 12.92 -18.24 17.58
N ARG A 527 13.01 -17.38 18.59
CA ARG A 527 14.26 -17.13 19.30
C ARG A 527 14.26 -17.85 20.65
N LYS A 528 15.14 -18.84 20.79
CA LYS A 528 15.19 -19.72 21.96
C LYS A 528 15.46 -19.00 23.28
N SER A 529 16.39 -18.04 23.26
CA SER A 529 16.80 -17.33 24.46
C SER A 529 15.83 -16.23 24.91
N ASP A 530 14.85 -15.91 24.05
CA ASP A 530 13.83 -14.92 24.38
C ASP A 530 12.47 -15.60 24.59
N ASN A 531 12.47 -16.59 25.49
CA ASN A 531 11.26 -17.38 25.81
C ASN A 531 10.52 -17.92 24.58
N MET A 532 11.30 -18.35 23.58
CA MET A 532 10.79 -18.85 22.30
C MET A 532 9.88 -17.83 21.60
N ARG A 533 10.37 -16.59 21.52
CA ARG A 533 9.65 -15.48 20.89
C ARG A 533 9.48 -15.75 19.40
N VAL A 534 8.25 -15.56 18.91
CA VAL A 534 7.95 -15.68 17.49
C VAL A 534 8.53 -14.48 16.74
N LEU A 535 9.56 -14.73 15.95
CA LEU A 535 10.23 -13.69 15.18
C LEU A 535 9.63 -13.55 13.79
N GLY A 536 9.11 -14.66 13.26
CA GLY A 536 8.52 -14.70 11.92
C GLY A 536 7.49 -15.79 11.76
N LEU A 537 6.38 -15.44 11.11
CA LEU A 537 5.32 -16.39 10.79
C LEU A 537 5.19 -16.52 9.26
N HIS A 538 5.07 -17.75 8.78
CA HIS A 538 5.00 -18.01 7.34
C HIS A 538 3.96 -19.09 7.01
N VAL A 539 3.03 -18.75 6.12
CA VAL A 539 1.97 -19.66 5.72
C VAL A 539 1.77 -19.69 4.21
N LEU A 540 1.82 -20.90 3.65
CA LEU A 540 1.48 -21.13 2.26
C LEU A 540 0.18 -21.92 2.24
N GLY A 541 -0.86 -21.33 1.66
CA GLY A 541 -2.16 -21.97 1.59
C GLY A 541 -3.25 -21.07 1.06
N PRO A 542 -4.50 -21.59 1.01
CA PRO A 542 -5.64 -20.77 0.59
C PRO A 542 -5.96 -19.72 1.64
N ASN A 543 -6.35 -18.52 1.19
CA ASN A 543 -6.71 -17.41 2.08
C ASN A 543 -5.61 -17.05 3.09
N ALA A 544 -4.36 -17.21 2.67
CA ALA A 544 -3.20 -16.95 3.53
C ALA A 544 -3.20 -15.54 4.13
N GLY A 545 -3.84 -14.59 3.44
CA GLY A 545 -4.02 -13.23 3.96
C GLY A 545 -4.98 -13.17 5.12
N GLU A 546 -6.12 -13.86 4.99
CA GLU A 546 -7.10 -13.95 6.07
C GLU A 546 -6.52 -14.69 7.28
N ILE A 547 -5.64 -15.64 7.02
CA ILE A 547 -4.97 -16.41 8.08
C ILE A 547 -3.97 -15.56 8.87
N THR A 548 -3.07 -14.89 8.16
CA THR A 548 -1.94 -14.17 8.75
C THR A 548 -2.35 -12.94 9.57
N GLN A 549 -3.40 -12.24 9.15
CA GLN A 549 -3.77 -10.94 9.71
C GLN A 549 -3.88 -10.90 11.24
N GLY A 550 -4.68 -11.81 11.80
CA GLY A 550 -4.93 -11.87 13.23
C GLY A 550 -3.65 -12.08 14.03
N TYR A 551 -2.74 -12.87 13.47
CA TYR A 551 -1.45 -13.16 14.10
C TYR A 551 -0.51 -11.96 14.16
N ALA A 552 -0.60 -11.08 13.16
CA ALA A 552 0.22 -9.86 13.11
C ALA A 552 0.02 -8.99 14.35
N VAL A 553 -1.20 -8.98 14.88
CA VAL A 553 -1.52 -8.29 16.13
C VAL A 553 -0.76 -8.95 17.29
N ALA A 554 -0.81 -10.27 17.36
CA ALA A 554 -0.14 -11.03 18.42
C ALA A 554 1.38 -10.88 18.40
N ILE A 555 1.97 -10.95 17.20
CA ILE A 555 3.42 -10.73 17.03
C ILE A 555 3.82 -9.32 17.47
N LYS A 556 2.99 -8.33 17.14
CA LYS A 556 3.17 -6.95 17.57
C LYS A 556 3.26 -6.85 19.11
N MET A 557 2.42 -7.63 19.79
CA MET A 557 2.39 -7.68 21.25
C MET A 557 3.56 -8.46 21.84
N GLY A 558 4.27 -9.21 20.99
CA GLY A 558 5.44 -9.98 21.42
C GLY A 558 5.12 -11.44 21.70
N ALA A 559 4.43 -12.08 20.76
CA ALA A 559 3.95 -13.45 20.93
C ALA A 559 5.09 -14.46 21.03
N THR A 560 4.93 -15.41 21.94
CA THR A 560 5.86 -16.54 22.07
C THR A 560 5.16 -17.78 21.54
N LYS A 561 5.92 -18.87 21.37
CA LYS A 561 5.38 -20.15 20.97
C LYS A 561 4.33 -20.63 21.95
N ALA A 562 4.56 -20.39 23.24
CA ALA A 562 3.65 -20.79 24.31
C ALA A 562 2.29 -20.09 24.19
N ASP A 563 2.30 -18.85 23.73
CA ASP A 563 1.07 -18.08 23.53
C ASP A 563 0.20 -18.68 22.43
N PHE A 564 0.86 -19.28 21.42
CA PHE A 564 0.17 -20.00 20.35
C PHE A 564 -0.40 -21.31 20.88
N ASP A 565 0.39 -21.99 21.70
CA ASP A 565 0.05 -23.32 22.21
C ASP A 565 -1.16 -23.33 23.15
N ARG A 566 -1.25 -22.35 24.04
N ARG A 566 -1.22 -22.35 24.04
CA ARG A 566 -2.33 -22.31 25.02
CA ARG A 566 -2.31 -22.26 25.03
C ARG A 566 -3.62 -21.71 24.48
C ARG A 566 -3.63 -21.80 24.42
N THR A 567 -3.56 -21.15 23.27
CA THR A 567 -4.74 -20.73 22.53
C THR A 567 -5.38 -21.97 21.91
N ILE A 568 -6.71 -22.01 21.86
CA ILE A 568 -7.42 -23.15 21.29
C ILE A 568 -7.78 -22.90 19.84
N GLY A 569 -7.60 -23.93 19.01
CA GLY A 569 -7.89 -23.85 17.58
C GLY A 569 -9.37 -23.85 17.23
N ILE A 570 -9.70 -23.30 16.07
CA ILE A 570 -11.05 -23.39 15.52
C ILE A 570 -11.07 -24.50 14.47
N HIS A 571 -11.93 -25.48 14.68
CA HIS A 571 -12.04 -26.63 13.80
C HIS A 571 -13.35 -26.60 13.00
N PRO A 572 -13.30 -26.97 11.71
CA PRO A 572 -12.11 -27.20 10.89
C PRO A 572 -11.65 -25.98 10.09
N THR A 573 -10.42 -25.52 10.35
CA THR A 573 -9.80 -24.44 9.59
C THR A 573 -8.34 -24.79 9.27
N CYS A 574 -7.75 -24.05 8.34
CA CYS A 574 -6.33 -24.18 8.03
C CYS A 574 -5.50 -23.50 9.12
N SER A 575 -5.96 -22.33 9.56
CA SER A 575 -5.24 -21.50 10.53
C SER A 575 -4.95 -22.17 11.88
N GLU A 576 -5.88 -23.05 12.32
CA GLU A 576 -5.76 -23.75 13.60
C GLU A 576 -4.45 -24.54 13.76
N THR A 577 -3.82 -24.88 12.63
CA THR A 577 -2.56 -25.63 12.63
C THR A 577 -1.43 -24.89 13.35
N PHE A 578 -1.52 -23.56 13.40
CA PHE A 578 -0.55 -22.73 14.12
C PHE A 578 -0.63 -22.91 15.63
N THR A 579 -1.75 -23.42 16.12
CA THR A 579 -1.98 -23.58 17.56
C THR A 579 -1.40 -24.88 18.11
N THR A 580 -1.01 -25.80 17.23
CA THR A 580 -0.54 -27.13 17.67
C THR A 580 0.80 -27.60 17.10
N LEU A 581 1.61 -26.68 16.58
CA LEU A 581 2.92 -27.03 16.02
C LEU A 581 3.85 -27.66 17.06
N HIS A 582 4.54 -28.72 16.67
CA HIS A 582 5.43 -29.44 17.58
C HIS A 582 6.74 -29.92 16.93
N VAL A 583 6.69 -30.21 15.63
CA VAL A 583 7.86 -30.69 14.90
C VAL A 583 8.85 -29.55 14.61
N THR A 584 10.06 -29.67 15.14
CA THR A 584 11.12 -28.69 14.90
C THR A 584 12.01 -29.13 13.74
N LYS A 585 12.71 -28.17 13.14
CA LYS A 585 13.62 -28.46 12.04
C LYS A 585 14.89 -29.18 12.49
N LYS A 586 15.35 -28.88 13.71
CA LYS A 586 16.54 -29.53 14.26
C LYS A 586 16.33 -31.00 14.64
N SER A 587 15.08 -31.41 14.84
CA SER A 587 14.76 -32.80 15.15
C SER A 587 14.88 -33.69 13.90
N GLY A 588 14.71 -33.09 12.73
CA GLY A 588 14.85 -33.79 11.46
C GLY A 588 13.65 -34.63 11.04
N VAL A 589 12.64 -34.68 11.91
CA VAL A 589 11.40 -35.43 11.63
C VAL A 589 10.61 -34.73 10.53
N SER A 590 10.06 -35.53 9.62
CA SER A 590 9.30 -35.02 8.47
C SER A 590 8.08 -34.19 8.90
N PRO A 591 7.84 -33.05 8.24
CA PRO A 591 6.73 -32.16 8.60
C PRO A 591 5.36 -32.64 8.10
N ILE A 592 5.35 -33.74 7.33
CA ILE A 592 4.11 -34.34 6.82
C ILE A 592 3.16 -34.78 7.94
N VAL A 593 1.87 -34.85 7.62
CA VAL A 593 0.86 -35.27 8.59
C VAL A 593 0.45 -36.73 8.43
#